data_3ZK6
#
_entry.id   3ZK6
#
_cell.length_a   65.200
_cell.length_b   65.200
_cell.length_c   117.210
_cell.angle_alpha   90.00
_cell.angle_beta   90.00
_cell.angle_gamma   90.00
#
_symmetry.space_group_name_H-M   'P 41'
#
loop_
_entity.id
_entity.type
_entity.pdbx_description
1 polymer 'BCL-2-LIKE PROTEIN 1'
2 non-polymer N-(3-(5-(1-(2-(benzo[d]thiazol-2-yl)hydrazono)ethyl)furan-2-yl)phenylsulfonyl)-6-phenylhexanamide
3 water water
#
_entity_poly.entity_id   1
_entity_poly.type   'polypeptide(L)'
_entity_poly.pdbx_seq_one_letter_code
;MSMAMSQSNRELVVDFLSYKLSQKGYSWSQFSDVEENRTEAPEGIPMAAVKQALREAGDEFELRYRRAFSDLTSQLHITP
GTAYQSFEQVVNELFRDGVNWGRIVAFFSFGGALCVESVDKEMQVLVSRIAAWMATYLNDHLEPWIQENGGWDTFVELYG
NNAAAESRKGQERLEHHHHHH
;
_entity_poly.pdbx_strand_id   A,B
#
# COMPACT_ATOMS: atom_id res chain seq x y z
N SER A 6 25.63 -10.98 8.25
CA SER A 6 25.24 -11.82 9.37
C SER A 6 24.96 -13.26 8.94
N GLN A 7 25.05 -14.18 9.90
CA GLN A 7 24.64 -15.55 9.68
C GLN A 7 23.27 -15.68 10.31
N SER A 8 23.03 -14.88 11.33
CA SER A 8 21.74 -14.83 12.01
C SER A 8 20.62 -14.55 11.03
N ASN A 9 20.85 -13.58 10.16
CA ASN A 9 19.84 -13.20 9.18
C ASN A 9 19.66 -14.28 8.15
N ARG A 10 20.76 -14.95 7.81
CA ARG A 10 20.71 -16.05 6.87
C ARG A 10 19.67 -17.08 7.33
N GLU A 11 19.66 -17.39 8.62
CA GLU A 11 18.74 -18.42 9.11
C GLU A 11 17.30 -17.92 9.25
N LEU A 12 17.12 -16.61 9.19
CA LEU A 12 15.79 -16.03 9.30
C LEU A 12 15.09 -16.21 7.96
N VAL A 13 15.73 -15.69 6.93
CA VAL A 13 15.37 -15.97 5.54
C VAL A 13 15.09 -17.45 5.31
N VAL A 14 16.02 -18.30 5.74
CA VAL A 14 15.80 -19.74 5.64
C VAL A 14 14.61 -20.21 6.46
N ASP A 15 14.47 -19.69 7.68
CA ASP A 15 13.33 -20.09 8.47
C ASP A 15 12.07 -19.65 7.78
N PHE A 16 12.02 -18.38 7.37
CA PHE A 16 10.81 -17.83 6.77
C PHE A 16 10.39 -18.57 5.49
N LEU A 17 11.35 -18.82 4.61
CA LEU A 17 11.01 -19.46 3.35
C LEU A 17 10.51 -20.88 3.58
N SER A 18 11.10 -21.57 4.55
CA SER A 18 10.71 -22.95 4.84
C SER A 18 9.31 -23.04 5.42
N TYR A 19 8.99 -22.10 6.30
CA TYR A 19 7.67 -22.00 6.91
C TYR A 19 6.64 -21.77 5.82
N LYS A 20 6.98 -20.88 4.89
CA LYS A 20 6.02 -20.46 3.89
C LYS A 20 5.78 -21.56 2.88
N LEU A 21 6.84 -22.27 2.54
CA LEU A 21 6.72 -23.38 1.59
C LEU A 21 5.93 -24.52 2.20
N SER A 22 6.21 -24.78 3.49
CA SER A 22 5.44 -25.75 4.26
C SER A 22 3.97 -25.37 4.22
N GLN A 23 3.69 -24.15 4.69
CA GLN A 23 2.36 -23.58 4.80
C GLN A 23 1.53 -23.66 3.51
N LYS A 24 2.15 -23.26 2.38
CA LYS A 24 1.45 -23.19 1.10
C LYS A 24 1.42 -24.54 0.34
N GLY A 25 2.07 -25.55 0.90
CA GLY A 25 1.95 -26.90 0.38
C GLY A 25 3.03 -27.34 -0.58
N TYR A 26 4.22 -26.74 -0.48
CA TYR A 26 5.37 -27.16 -1.30
C TYR A 26 6.52 -27.80 -0.50
N SER A 27 7.45 -28.46 -1.19
CA SER A 27 8.65 -28.97 -0.51
C SER A 27 9.48 -27.81 -0.01
N TRP A 28 9.96 -27.91 1.22
CA TRP A 28 10.86 -26.92 1.76
C TRP A 28 12.25 -27.53 1.85
N SER A 29 12.45 -28.69 1.23
CA SER A 29 13.71 -29.38 1.48
C SER A 29 14.89 -28.93 0.63
N GLN A 30 14.69 -27.87 -0.15
CA GLN A 30 15.81 -27.14 -0.74
C GLN A 30 16.70 -26.58 0.38
N PHE A 31 16.15 -26.61 1.60
CA PHE A 31 16.88 -26.19 2.79
C PHE A 31 17.25 -27.40 3.62
N SER A 32 18.55 -27.61 3.74
CA SER A 32 19.11 -28.73 4.50
C SER A 32 19.71 -28.24 5.81
N ILE A 45 14.61 -18.45 24.01
CA ILE A 45 15.62 -17.73 23.24
C ILE A 45 14.97 -16.76 22.23
N PRO A 46 15.57 -15.56 22.05
CA PRO A 46 15.03 -14.52 21.16
C PRO A 46 15.03 -14.88 19.69
N MET A 47 15.88 -15.80 19.25
CA MET A 47 15.90 -16.15 17.82
C MET A 47 14.73 -17.03 17.38
N ALA A 48 14.32 -18.00 18.21
CA ALA A 48 13.05 -18.67 17.95
C ALA A 48 11.89 -17.67 18.07
N ALA A 49 12.11 -16.60 18.85
CA ALA A 49 11.10 -15.59 19.09
C ALA A 49 10.97 -14.54 17.97
N VAL A 50 12.07 -14.25 17.29
CA VAL A 50 12.05 -13.36 16.13
C VAL A 50 11.44 -14.10 14.95
N LYS A 51 11.89 -15.34 14.75
CA LYS A 51 11.28 -16.26 13.79
C LYS A 51 9.74 -16.31 13.88
N GLN A 52 9.21 -16.59 15.06
CA GLN A 52 7.75 -16.62 15.23
C GLN A 52 7.11 -15.29 14.84
N ALA A 53 7.61 -14.20 15.44
CA ALA A 53 7.05 -12.88 15.21
C ALA A 53 7.06 -12.51 13.74
N LEU A 54 8.10 -12.94 13.03
CA LEU A 54 8.21 -12.60 11.62
C LEU A 54 7.29 -13.49 10.82
N ARG A 55 7.12 -14.73 11.29
CA ARG A 55 6.21 -15.69 10.66
C ARG A 55 4.82 -15.14 10.67
N GLU A 56 4.36 -14.81 11.87
CA GLU A 56 3.04 -14.23 12.07
C GLU A 56 2.87 -12.89 11.34
N ALA A 57 3.88 -12.05 11.42
CA ALA A 57 3.87 -10.77 10.69
C ALA A 57 3.61 -10.99 9.19
N GLY A 58 4.40 -11.86 8.59
CA GLY A 58 4.23 -12.23 7.20
C GLY A 58 2.84 -12.74 6.90
N ASP A 59 2.27 -13.55 7.80
CA ASP A 59 0.91 -14.09 7.58
C ASP A 59 -0.14 -12.99 7.65
N GLU A 60 0.06 -12.04 8.55
CA GLU A 60 -0.88 -10.94 8.73
C GLU A 60 -0.83 -9.99 7.55
N PHE A 61 0.40 -9.73 7.08
CA PHE A 61 0.56 -8.92 5.88
C PHE A 61 -0.12 -9.56 4.66
N GLU A 62 0.03 -10.87 4.48
CA GLU A 62 -0.57 -11.55 3.34
C GLU A 62 -2.08 -11.59 3.50
N LEU A 63 -2.53 -11.69 4.75
CA LEU A 63 -3.96 -11.82 5.05
C LEU A 63 -4.67 -10.52 4.81
N ARG A 64 -4.24 -9.52 5.56
CA ARG A 64 -4.93 -8.23 5.58
C ARG A 64 -4.53 -7.32 4.40
N TYR A 65 -3.23 -7.28 4.08
CA TYR A 65 -2.69 -6.13 3.33
C TYR A 65 -2.12 -6.32 1.90
N ARG A 66 -1.35 -7.37 1.66
CA ARG A 66 -0.65 -7.57 0.37
C ARG A 66 -1.56 -7.34 -0.85
N ARG A 67 -2.87 -7.57 -0.65
CA ARG A 67 -3.93 -7.40 -1.65
C ARG A 67 -3.96 -5.98 -2.21
N ALA A 68 -3.52 -5.02 -1.40
CA ALA A 68 -3.61 -3.63 -1.76
C ALA A 68 -2.49 -3.22 -2.69
N PHE A 69 -1.33 -3.87 -2.57
CA PHE A 69 -0.12 -3.47 -3.30
C PHE A 69 0.05 -4.03 -4.72
N SER A 70 0.78 -3.27 -5.55
CA SER A 70 1.17 -3.71 -6.88
C SER A 70 1.83 -5.07 -6.82
N ASP A 71 1.45 -5.98 -7.71
CA ASP A 71 2.05 -7.30 -7.70
C ASP A 71 3.48 -7.17 -8.21
N LEU A 72 4.44 -7.14 -7.27
CA LEU A 72 5.85 -7.02 -7.62
C LEU A 72 6.34 -8.29 -8.26
N THR A 73 5.58 -9.37 -8.06
CA THR A 73 5.88 -10.61 -8.78
C THR A 73 5.54 -10.44 -10.25
N SER A 74 4.64 -9.53 -10.57
CA SER A 74 4.33 -9.26 -11.96
C SER A 74 5.55 -8.61 -12.60
N GLN A 75 6.31 -7.88 -11.79
CA GLN A 75 7.46 -7.15 -12.33
C GLN A 75 8.77 -7.90 -12.15
N LEU A 76 8.72 -9.23 -12.24
CA LEU A 76 9.92 -10.06 -12.21
C LEU A 76 9.61 -11.51 -12.61
N HIS A 77 9.52 -11.75 -13.91
CA HIS A 77 9.29 -13.11 -14.39
C HIS A 77 10.54 -13.90 -14.09
N ILE A 78 10.51 -14.58 -12.96
CA ILE A 78 11.73 -15.17 -12.47
C ILE A 78 12.09 -16.37 -13.31
N THR A 79 13.34 -16.40 -13.76
CA THR A 79 13.83 -17.43 -14.65
C THR A 79 15.32 -17.70 -14.38
N PRO A 80 15.79 -18.92 -14.65
CA PRO A 80 17.19 -19.35 -14.53
C PRO A 80 18.25 -18.35 -15.03
N GLY A 81 17.89 -17.45 -15.94
CA GLY A 81 18.82 -16.44 -16.41
C GLY A 81 18.94 -15.24 -15.48
N THR A 82 17.85 -14.96 -14.76
CA THR A 82 17.72 -13.76 -13.91
C THR A 82 18.76 -13.63 -12.76
N ALA A 83 19.38 -12.45 -12.66
CA ALA A 83 20.45 -12.22 -11.66
C ALA A 83 20.12 -11.17 -10.58
N TYR A 84 21.01 -11.06 -9.61
CA TYR A 84 20.75 -10.28 -8.40
C TYR A 84 20.26 -8.86 -8.64
N GLN A 85 20.86 -8.19 -9.64
CA GLN A 85 20.49 -6.81 -9.96
C GLN A 85 19.02 -6.68 -10.36
N SER A 86 18.51 -7.67 -11.09
CA SER A 86 17.10 -7.69 -11.47
C SER A 86 16.25 -7.75 -10.21
N PHE A 87 16.56 -8.72 -9.37
CA PHE A 87 15.90 -8.87 -8.08
C PHE A 87 15.98 -7.57 -7.31
N GLU A 88 17.20 -7.12 -7.03
CA GLU A 88 17.46 -5.90 -6.27
C GLU A 88 16.59 -4.72 -6.76
N GLN A 89 16.46 -4.61 -8.08
CA GLN A 89 15.81 -3.45 -8.67
C GLN A 89 14.32 -3.49 -8.44
N VAL A 90 13.78 -4.68 -8.20
CA VAL A 90 12.35 -4.84 -7.96
C VAL A 90 12.03 -4.66 -6.49
N VAL A 91 12.84 -5.25 -5.63
CA VAL A 91 12.71 -5.08 -4.19
C VAL A 91 12.92 -3.61 -3.79
N ASN A 92 13.79 -2.90 -4.52
CA ASN A 92 13.99 -1.46 -4.31
C ASN A 92 12.68 -0.67 -4.32
N GLU A 93 11.65 -1.23 -4.96
CA GLU A 93 10.34 -0.57 -5.05
C GLU A 93 9.58 -0.61 -3.74
N LEU A 94 9.94 -1.54 -2.87
CA LEU A 94 9.40 -1.62 -1.52
C LEU A 94 10.02 -0.59 -0.60
N PHE A 95 11.12 0.01 -1.05
CA PHE A 95 11.91 0.87 -0.17
C PHE A 95 12.28 2.21 -0.81
N ARG A 96 11.44 2.72 -1.71
CA ARG A 96 11.69 4.04 -2.30
C ARG A 96 11.54 5.14 -1.26
N ASP A 97 10.83 4.84 -0.20
CA ASP A 97 10.61 5.81 0.83
C ASP A 97 11.42 5.38 2.02
N GLY A 98 12.29 4.39 1.80
CA GLY A 98 13.17 3.92 2.84
C GLY A 98 12.62 2.73 3.61
N VAL A 99 13.42 2.23 4.55
CA VAL A 99 13.07 1.07 5.33
C VAL A 99 12.14 1.41 6.50
N ASN A 100 11.15 0.54 6.73
CA ASN A 100 10.49 0.42 8.04
C ASN A 100 10.13 -1.05 8.26
N TRP A 101 9.56 -1.37 9.42
CA TRP A 101 9.37 -2.78 9.75
C TRP A 101 8.37 -3.46 8.82
N GLY A 102 7.26 -2.79 8.51
CA GLY A 102 6.28 -3.39 7.63
C GLY A 102 6.84 -3.70 6.25
N ARG A 103 7.71 -2.83 5.77
CA ARG A 103 8.25 -3.03 4.45
C ARG A 103 9.21 -4.20 4.48
N ILE A 104 9.84 -4.40 5.62
CA ILE A 104 10.71 -5.57 5.79
C ILE A 104 9.89 -6.86 5.79
N VAL A 105 8.78 -6.84 6.51
CA VAL A 105 7.84 -7.97 6.50
C VAL A 105 7.45 -8.30 5.06
N ALA A 106 7.06 -7.26 4.32
CA ALA A 106 6.68 -7.39 2.91
C ALA A 106 7.81 -7.98 2.06
N PHE A 107 9.03 -7.54 2.34
CA PHE A 107 10.21 -8.07 1.66
C PHE A 107 10.30 -9.59 1.85
N PHE A 108 10.09 -10.06 3.07
CA PHE A 108 10.07 -11.50 3.30
C PHE A 108 8.90 -12.19 2.58
N SER A 109 7.70 -11.63 2.73
CA SER A 109 6.56 -12.05 1.93
C SER A 109 6.92 -12.20 0.46
N PHE A 110 7.51 -11.16 -0.09
CA PHE A 110 7.90 -11.14 -1.49
C PHE A 110 8.77 -12.35 -1.84
N GLY A 111 9.82 -12.58 -1.07
CA GLY A 111 10.69 -13.73 -1.30
C GLY A 111 9.93 -15.06 -1.28
N GLY A 112 9.14 -15.27 -0.22
CA GLY A 112 8.29 -16.44 -0.11
C GLY A 112 7.48 -16.64 -1.36
N ALA A 113 6.86 -15.55 -1.83
CA ALA A 113 6.08 -15.58 -3.07
C ALA A 113 6.90 -16.09 -4.25
N LEU A 114 8.09 -15.52 -4.43
CA LEU A 114 8.97 -15.95 -5.52
C LEU A 114 9.40 -17.41 -5.39
N CYS A 115 9.37 -17.94 -4.16
CA CYS A 115 9.65 -19.36 -3.94
C CYS A 115 8.45 -20.22 -4.29
N VAL A 116 7.26 -19.72 -3.99
CA VAL A 116 6.07 -20.49 -4.33
C VAL A 116 5.88 -20.57 -5.85
N GLU A 117 6.01 -19.44 -6.55
CA GLU A 117 5.90 -19.44 -8.01
C GLU A 117 6.90 -20.40 -8.66
N SER A 118 8.13 -20.37 -8.14
CA SER A 118 9.23 -21.13 -8.72
C SER A 118 9.06 -22.64 -8.57
N VAL A 119 8.64 -23.09 -7.39
CA VAL A 119 8.31 -24.50 -7.16
C VAL A 119 7.06 -24.82 -7.98
N ASP A 120 6.14 -23.87 -8.06
CA ASP A 120 4.93 -24.06 -8.85
C ASP A 120 5.28 -24.13 -10.33
N LYS A 121 6.46 -23.62 -10.67
CA LYS A 121 6.98 -23.69 -12.02
C LYS A 121 8.09 -24.75 -12.16
N GLU A 122 8.13 -25.71 -11.24
CA GLU A 122 9.13 -26.79 -11.22
C GLU A 122 10.61 -26.36 -11.40
N MET A 123 10.88 -25.08 -11.16
CA MET A 123 12.23 -24.55 -11.16
C MET A 123 12.73 -24.63 -9.73
N GLN A 124 12.54 -25.78 -9.08
CA GLN A 124 12.69 -25.86 -7.63
C GLN A 124 14.05 -25.38 -7.13
N VAL A 125 15.02 -25.38 -8.01
CA VAL A 125 16.39 -25.03 -7.64
C VAL A 125 16.60 -23.53 -7.41
N LEU A 126 15.73 -22.71 -8.00
CA LEU A 126 15.82 -21.25 -7.88
C LEU A 126 15.67 -20.77 -6.45
N VAL A 127 14.94 -21.55 -5.66
CA VAL A 127 14.61 -21.24 -4.28
C VAL A 127 15.82 -20.80 -3.46
N SER A 128 16.80 -21.69 -3.35
CA SER A 128 18.01 -21.40 -2.58
C SER A 128 18.69 -20.14 -3.08
N ARG A 129 18.62 -19.90 -4.38
CA ARG A 129 19.17 -18.70 -4.96
C ARG A 129 18.41 -17.46 -4.53
N ILE A 130 17.09 -17.56 -4.50
CA ILE A 130 16.27 -16.46 -4.04
C ILE A 130 16.63 -16.19 -2.58
N ALA A 131 16.83 -17.25 -1.81
CA ALA A 131 17.28 -17.12 -0.44
C ALA A 131 18.67 -16.46 -0.35
N ALA A 132 19.52 -16.69 -1.35
CA ALA A 132 20.83 -16.04 -1.40
C ALA A 132 20.67 -14.53 -1.57
N TRP A 133 19.85 -14.16 -2.53
CA TRP A 133 19.56 -12.78 -2.83
C TRP A 133 18.95 -12.02 -1.64
N MET A 134 18.00 -12.65 -0.97
CA MET A 134 17.39 -12.07 0.21
C MET A 134 18.42 -11.79 1.27
N ALA A 135 19.27 -12.78 1.57
CA ALA A 135 20.31 -12.60 2.57
C ALA A 135 21.29 -11.50 2.17
N THR A 136 21.60 -11.41 0.87
CA THR A 136 22.46 -10.32 0.37
C THR A 136 21.77 -8.97 0.55
N TYR A 137 20.51 -8.89 0.10
CA TYR A 137 19.76 -7.63 0.12
C TYR A 137 19.49 -7.17 1.54
N LEU A 138 19.08 -8.11 2.36
CA LEU A 138 18.83 -7.82 3.76
C LEU A 138 20.10 -7.27 4.39
N ASN A 139 21.22 -7.93 4.11
CA ASN A 139 22.50 -7.59 4.75
C ASN A 139 23.18 -6.34 4.20
N ASP A 140 22.93 -6.02 2.94
CA ASP A 140 23.53 -4.84 2.34
C ASP A 140 22.74 -3.54 2.57
N HIS A 141 21.41 -3.66 2.61
CA HIS A 141 20.55 -2.47 2.57
C HIS A 141 19.63 -2.32 3.76
N LEU A 142 19.18 -3.43 4.32
CA LEU A 142 18.16 -3.33 5.36
C LEU A 142 18.79 -3.33 6.74
N GLU A 143 19.87 -4.10 6.88
CA GLU A 143 20.55 -4.20 8.16
C GLU A 143 20.90 -2.84 8.78
N PRO A 144 21.42 -1.88 7.97
CA PRO A 144 21.76 -0.59 8.58
C PRO A 144 20.59 0.10 9.27
N TRP A 145 19.37 -0.25 8.86
CA TRP A 145 18.18 0.34 9.46
C TRP A 145 17.75 -0.45 10.69
N ILE A 146 17.66 -1.77 10.54
CA ILE A 146 17.37 -2.69 11.65
C ILE A 146 18.20 -2.36 12.90
N GLN A 147 19.51 -2.30 12.75
CA GLN A 147 20.37 -1.90 13.85
C GLN A 147 20.05 -0.52 14.43
N GLU A 148 19.85 0.47 13.57
CA GLU A 148 19.56 1.84 14.02
C GLU A 148 18.33 1.83 14.90
N ASN A 149 17.37 0.99 14.51
CA ASN A 149 16.09 0.96 15.21
C ASN A 149 15.95 -0.15 16.23
N GLY A 150 17.08 -0.55 16.80
CA GLY A 150 17.08 -1.40 17.96
C GLY A 150 17.01 -2.88 17.64
N GLY A 151 17.31 -3.23 16.40
CA GLY A 151 17.43 -4.62 16.01
C GLY A 151 16.13 -5.41 16.01
N TRP A 152 16.26 -6.72 15.87
CA TRP A 152 15.10 -7.60 15.75
C TRP A 152 14.33 -7.74 17.05
N ASP A 153 14.99 -7.43 18.16
CA ASP A 153 14.35 -7.56 19.46
C ASP A 153 13.30 -6.48 19.67
N THR A 154 13.44 -5.39 18.92
CA THR A 154 12.46 -4.30 18.96
C THR A 154 11.26 -4.62 18.05
N PHE A 155 11.54 -5.25 16.92
CA PHE A 155 10.49 -5.79 16.06
C PHE A 155 9.57 -6.72 16.87
N VAL A 156 10.17 -7.67 17.57
CA VAL A 156 9.39 -8.62 18.36
C VAL A 156 8.51 -7.93 19.39
N GLU A 157 9.08 -6.94 20.08
CA GLU A 157 8.37 -6.16 21.09
C GLU A 157 7.23 -5.39 20.46
N LEU A 158 7.41 -5.01 19.21
CA LEU A 158 6.39 -4.28 18.47
C LEU A 158 5.38 -5.19 17.74
N TYR A 159 5.75 -6.44 17.43
CA TYR A 159 4.87 -7.29 16.63
C TYR A 159 4.64 -8.72 17.17
N GLY A 160 4.98 -8.94 18.43
CA GLY A 160 4.78 -10.24 19.05
C GLY A 160 3.33 -10.46 19.43
N ASN A 161 2.75 -11.53 18.90
CA ASN A 161 1.35 -11.89 19.14
C ASN A 161 0.35 -10.92 18.53
N SER B 6 -23.51 16.05 6.00
CA SER B 6 -22.92 17.37 6.22
C SER B 6 -22.89 18.21 4.94
N GLN B 7 -22.81 19.52 5.12
CA GLN B 7 -22.60 20.42 4.00
C GLN B 7 -21.13 20.77 4.03
N SER B 8 -20.56 20.76 5.23
CA SER B 8 -19.13 21.02 5.43
C SER B 8 -18.29 20.09 4.58
N ASN B 9 -18.65 18.82 4.60
CA ASN B 9 -17.91 17.82 3.84
C ASN B 9 -18.10 18.01 2.36
N ARG B 10 -19.29 18.42 1.98
CA ARG B 10 -19.59 18.71 0.59
C ARG B 10 -18.56 19.70 0.03
N GLU B 11 -18.24 20.73 0.78
CA GLU B 11 -17.31 21.75 0.27
C GLU B 11 -15.85 21.32 0.33
N LEU B 12 -15.57 20.25 1.05
CA LEU B 12 -14.21 19.72 1.14
C LEU B 12 -13.92 18.98 -0.15
N VAL B 13 -14.77 17.99 -0.44
CA VAL B 13 -14.80 17.33 -1.74
C VAL B 13 -14.72 18.31 -2.88
N VAL B 14 -15.57 19.32 -2.84
CA VAL B 14 -15.52 20.36 -3.87
C VAL B 14 -14.20 21.12 -3.85
N ASP B 15 -13.69 21.45 -2.67
CA ASP B 15 -12.44 22.15 -2.62
C ASP B 15 -11.36 21.26 -3.19
N PHE B 16 -11.31 20.02 -2.73
CA PHE B 16 -10.26 19.10 -3.15
C PHE B 16 -10.25 18.86 -4.65
N LEU B 17 -11.43 18.62 -5.22
CA LEU B 17 -11.48 18.31 -6.64
C LEU B 17 -11.08 19.52 -7.48
N SER B 18 -11.46 20.70 -7.03
CA SER B 18 -11.13 21.93 -7.75
C SER B 18 -9.63 22.21 -7.74
N TYR B 19 -9.01 21.97 -6.58
CA TYR B 19 -7.58 22.15 -6.40
C TYR B 19 -6.84 21.22 -7.34
N LYS B 20 -7.31 19.98 -7.39
CA LYS B 20 -6.62 18.94 -8.16
C LYS B 20 -6.75 19.17 -9.66
N LEU B 21 -7.94 19.57 -10.09
CA LEU B 21 -8.17 19.86 -11.49
C LEU B 21 -7.35 21.06 -11.93
N SER B 22 -7.29 22.07 -11.07
CA SER B 22 -6.46 23.25 -11.29
C SER B 22 -5.01 22.79 -11.45
N GLN B 23 -4.54 22.09 -10.42
CA GLN B 23 -3.16 21.59 -10.33
C GLN B 23 -2.72 20.78 -11.56
N LYS B 24 -3.56 19.83 -11.99
CA LYS B 24 -3.21 18.93 -13.09
C LYS B 24 -3.50 19.51 -14.49
N GLY B 25 -4.07 20.72 -14.52
CA GLY B 25 -4.20 21.46 -15.76
C GLY B 25 -5.53 21.31 -16.46
N TYR B 26 -6.59 21.01 -15.72
CA TYR B 26 -7.94 20.93 -16.30
C TYR B 26 -8.90 22.04 -15.81
N SER B 27 -10.04 22.21 -16.49
CA SER B 27 -11.05 23.14 -15.98
C SER B 27 -11.62 22.61 -14.69
N TRP B 28 -11.77 23.50 -13.71
CA TRP B 28 -12.40 23.14 -12.46
C TRP B 28 -13.78 23.78 -12.42
N SER B 29 -14.23 24.34 -13.54
CA SER B 29 -15.43 25.16 -13.47
C SER B 29 -16.76 24.39 -13.51
N GLN B 30 -16.67 23.06 -13.48
CA GLN B 30 -17.83 22.22 -13.18
C GLN B 30 -18.34 22.56 -11.77
N PHE B 31 -17.52 23.29 -11.03
CA PHE B 31 -17.87 23.76 -9.71
C PHE B 31 -18.12 25.26 -9.73
N SER B 32 -19.37 25.62 -9.42
CA SER B 32 -19.80 27.01 -9.41
C SER B 32 -20.00 27.50 -7.97
N ILE B 45 -9.49 30.57 10.27
CA ILE B 45 -10.59 29.61 10.42
C ILE B 45 -10.14 28.18 10.10
N PRO B 46 -10.67 27.19 10.86
CA PRO B 46 -10.28 25.78 10.69
C PRO B 46 -10.69 25.14 9.37
N MET B 47 -11.71 25.68 8.69
CA MET B 47 -12.13 25.09 7.43
C MET B 47 -11.19 25.39 6.25
N ALA B 48 -10.66 26.60 6.16
CA ALA B 48 -9.57 26.85 5.23
C ALA B 48 -8.33 26.03 5.65
N ALA B 49 -8.25 25.71 6.94
CA ALA B 49 -7.13 24.96 7.50
C ALA B 49 -7.19 23.44 7.27
N VAL B 50 -8.42 22.90 7.24
CA VAL B 50 -8.62 21.49 6.90
C VAL B 50 -8.40 21.29 5.42
N LYS B 51 -8.98 22.19 4.63
CA LYS B 51 -8.74 22.25 3.18
C LYS B 51 -7.24 22.19 2.83
N GLN B 52 -6.45 23.10 3.36
CA GLN B 52 -5.02 23.09 3.10
C GLN B 52 -4.38 21.74 3.46
N ALA B 53 -4.60 21.31 4.70
CA ALA B 53 -4.00 20.07 5.19
C ALA B 53 -4.36 18.88 4.33
N LEU B 54 -5.59 18.87 3.84
CA LEU B 54 -6.03 17.75 3.02
C LEU B 54 -5.45 17.87 1.62
N ARG B 55 -5.27 19.10 1.16
CA ARG B 55 -4.64 19.39 -0.12
C ARG B 55 -3.22 18.84 -0.14
N GLU B 56 -2.42 19.30 0.82
CA GLU B 56 -1.06 18.83 0.98
C GLU B 56 -0.98 17.32 1.25
N ALA B 57 -1.86 16.80 2.09
CA ALA B 57 -1.93 15.35 2.33
C ALA B 57 -2.08 14.58 1.02
N GLY B 58 -3.07 14.98 0.22
CA GLY B 58 -3.28 14.37 -1.08
C GLY B 58 -2.09 14.46 -2.00
N ASP B 59 -1.37 15.59 -1.99
CA ASP B 59 -0.18 15.74 -2.83
C ASP B 59 0.94 14.83 -2.36
N GLU B 60 1.07 14.68 -1.04
CA GLU B 60 2.12 13.84 -0.46
C GLU B 60 1.84 12.38 -0.78
N PHE B 61 0.57 11.99 -0.64
CA PHE B 61 0.17 10.64 -0.98
C PHE B 61 0.46 10.32 -2.45
N GLU B 62 0.13 11.24 -3.34
CA GLU B 62 0.36 11.01 -4.75
C GLU B 62 1.86 11.00 -5.04
N LEU B 63 2.60 11.81 -4.29
CA LEU B 63 4.04 11.97 -4.53
C LEU B 63 4.78 10.73 -4.08
N ARG B 64 4.65 10.45 -2.79
CA ARG B 64 5.43 9.39 -2.17
C ARG B 64 4.82 7.99 -2.38
N TYR B 65 3.50 7.88 -2.25
CA TYR B 65 2.87 6.57 -1.98
C TYR B 65 1.95 5.90 -3.01
N ARG B 66 1.05 6.65 -3.64
CA ARG B 66 0.04 6.08 -4.55
C ARG B 66 0.61 5.06 -5.56
N ARG B 67 1.90 5.22 -5.87
CA ARG B 67 2.66 4.38 -6.79
C ARG B 67 2.66 2.92 -6.33
N ALA B 68 2.55 2.72 -5.02
CA ALA B 68 2.66 1.39 -4.44
C ALA B 68 1.37 0.59 -4.60
N PHE B 69 0.22 1.28 -4.64
CA PHE B 69 -1.09 0.64 -4.61
C PHE B 69 -1.67 0.22 -5.96
N SER B 70 -2.53 -0.79 -5.90
CA SER B 70 -3.28 -1.25 -7.07
C SER B 70 -4.01 -0.08 -7.70
N ASP B 71 -3.95 0.04 -9.02
CA ASP B 71 -4.65 1.13 -9.67
C ASP B 71 -6.14 0.85 -9.59
N LEU B 72 -6.81 1.48 -8.63
CA LEU B 72 -8.26 1.32 -8.47
C LEU B 72 -9.01 1.97 -9.61
N THR B 73 -8.34 2.86 -10.32
CA THR B 73 -8.93 3.42 -11.52
C THR B 73 -8.96 2.35 -12.62
N SER B 74 -8.09 1.35 -12.52
CA SER B 74 -8.13 0.26 -13.47
C SER B 74 -9.40 -0.54 -13.23
N GLN B 75 -9.86 -0.56 -11.98
CA GLN B 75 -11.04 -1.34 -11.64
C GLN B 75 -12.33 -0.51 -11.65
N LEU B 76 -12.42 0.48 -12.53
CA LEU B 76 -13.65 1.26 -12.71
C LEU B 76 -13.56 2.11 -13.97
N HIS B 77 -13.83 1.50 -15.12
CA HIS B 77 -13.86 2.24 -16.37
C HIS B 77 -15.04 3.17 -16.31
N ILE B 78 -14.79 4.39 -15.90
CA ILE B 78 -15.89 5.27 -15.58
C ILE B 78 -16.57 5.72 -16.86
N THR B 79 -17.88 5.58 -16.88
CA THR B 79 -18.68 5.90 -18.06
C THR B 79 -20.07 6.41 -17.63
N PRO B 80 -20.71 7.23 -18.47
CA PRO B 80 -22.05 7.77 -18.28
C PRO B 80 -23.12 6.79 -17.76
N GLY B 81 -22.94 5.49 -17.99
CA GLY B 81 -23.86 4.50 -17.47
C GLY B 81 -23.62 4.15 -16.01
N THR B 82 -22.37 4.28 -15.57
CA THR B 82 -21.92 3.84 -14.24
C THR B 82 -22.60 4.55 -13.04
N ALA B 83 -23.09 3.75 -12.08
CA ALA B 83 -23.82 4.27 -10.91
C ALA B 83 -23.12 4.09 -9.55
N TYR B 84 -23.71 4.68 -8.52
CA TYR B 84 -23.08 4.80 -7.21
C TYR B 84 -22.54 3.48 -6.62
N GLN B 85 -23.31 2.41 -6.78
CA GLN B 85 -22.91 1.09 -6.27
C GLN B 85 -21.60 0.62 -6.89
N SER B 86 -21.39 0.90 -8.17
CA SER B 86 -20.14 0.53 -8.84
C SER B 86 -19.01 1.26 -8.15
N PHE B 87 -19.17 2.58 -8.04
CA PHE B 87 -18.21 3.43 -7.35
C PHE B 87 -17.98 2.90 -5.96
N GLU B 88 -19.04 2.83 -5.18
CA GLU B 88 -18.99 2.36 -3.79
C GLU B 88 -18.17 1.07 -3.66
N GLN B 89 -18.38 0.14 -4.59
CA GLN B 89 -17.79 -1.17 -4.48
C GLN B 89 -16.31 -1.13 -4.71
N VAL B 90 -15.83 -0.11 -5.40
CA VAL B 90 -14.40 0.03 -5.69
C VAL B 90 -13.69 0.78 -4.58
N VAL B 91 -14.31 1.84 -4.09
CA VAL B 91 -13.78 2.56 -2.94
C VAL B 91 -13.77 1.68 -1.69
N ASN B 92 -14.72 0.76 -1.58
CA ASN B 92 -14.74 -0.21 -0.47
C ASN B 92 -13.41 -0.97 -0.33
N GLU B 93 -12.66 -1.05 -1.41
CA GLU B 93 -11.36 -1.73 -1.41
C GLU B 93 -10.28 -0.96 -0.66
N LEU B 94 -10.48 0.35 -0.48
CA LEU B 94 -9.60 1.20 0.31
C LEU B 94 -9.86 1.01 1.80
N PHE B 95 -10.98 0.38 2.13
CA PHE B 95 -11.42 0.32 3.52
C PHE B 95 -11.85 -1.10 3.97
N ARG B 96 -11.23 -2.13 3.41
CA ARG B 96 -11.53 -3.49 3.82
C ARG B 96 -11.02 -3.74 5.24
N ASP B 97 -10.07 -2.91 5.65
CA ASP B 97 -9.49 -3.06 6.95
C ASP B 97 -10.02 -1.91 7.79
N GLY B 98 -11.00 -1.20 7.24
CA GLY B 98 -11.62 -0.10 7.94
C GLY B 98 -11.00 1.25 7.62
N VAL B 99 -11.55 2.30 8.24
CA VAL B 99 -11.11 3.66 8.02
C VAL B 99 -9.90 4.02 8.86
N ASN B 100 -8.95 4.75 8.25
CA ASN B 100 -8.00 5.58 8.98
C ASN B 100 -7.71 6.83 8.15
N TRP B 101 -6.87 7.73 8.65
CA TRP B 101 -6.72 9.01 7.98
C TRP B 101 -6.09 8.91 6.61
N GLY B 102 -5.05 8.08 6.48
CA GLY B 102 -4.38 7.93 5.20
C GLY B 102 -5.31 7.35 4.14
N ARG B 103 -6.22 6.48 4.55
CA ARG B 103 -7.08 5.85 3.58
C ARG B 103 -8.10 6.87 3.13
N ILE B 104 -8.42 7.79 4.03
CA ILE B 104 -9.31 8.89 3.67
C ILE B 104 -8.65 9.83 2.66
N VAL B 105 -7.39 10.17 2.92
CA VAL B 105 -6.59 10.94 1.98
C VAL B 105 -6.64 10.26 0.60
N ALA B 106 -6.34 8.96 0.59
CA ALA B 106 -6.37 8.15 -0.62
C ALA B 106 -7.70 8.20 -1.33
N PHE B 107 -8.78 8.16 -0.55
CA PHE B 107 -10.12 8.26 -1.07
C PHE B 107 -10.30 9.57 -1.85
N PHE B 108 -9.82 10.67 -1.29
CA PHE B 108 -9.87 11.94 -2.02
C PHE B 108 -9.01 11.92 -3.27
N SER B 109 -7.78 11.43 -3.13
CA SER B 109 -6.91 11.21 -4.28
C SER B 109 -7.65 10.47 -5.37
N PHE B 110 -8.29 9.36 -4.98
CA PHE B 110 -9.03 8.52 -5.92
C PHE B 110 -10.06 9.32 -6.70
N GLY B 111 -10.91 10.07 -6.01
CA GLY B 111 -11.89 10.91 -6.68
C GLY B 111 -11.26 11.87 -7.67
N GLY B 112 -10.23 12.61 -7.22
CA GLY B 112 -9.51 13.52 -8.07
C GLY B 112 -9.07 12.83 -9.34
N ALA B 113 -8.50 11.66 -9.19
CA ALA B 113 -8.06 10.85 -10.32
C ALA B 113 -9.21 10.59 -11.27
N LEU B 114 -10.35 10.16 -10.73
CA LEU B 114 -11.52 9.91 -11.58
C LEU B 114 -12.02 11.18 -12.28
N CYS B 115 -11.72 12.34 -11.71
CA CYS B 115 -12.06 13.61 -12.36
C CYS B 115 -11.05 13.94 -13.44
N VAL B 116 -9.79 13.64 -13.21
CA VAL B 116 -8.81 13.91 -14.25
C VAL B 116 -9.04 13.03 -15.48
N GLU B 117 -9.27 11.72 -15.29
CA GLU B 117 -9.52 10.81 -16.41
C GLU B 117 -10.75 11.24 -17.21
N SER B 118 -11.79 11.65 -16.49
CA SER B 118 -13.06 12.00 -17.11
C SER B 118 -12.98 13.25 -17.98
N VAL B 119 -12.31 14.29 -17.48
CA VAL B 119 -12.06 15.50 -18.27
C VAL B 119 -11.11 15.14 -19.40
N ASP B 120 -10.15 14.25 -19.11
CA ASP B 120 -9.21 13.81 -20.13
C ASP B 120 -9.94 12.99 -21.17
N LYS B 121 -11.11 12.49 -20.79
CA LYS B 121 -11.98 11.75 -21.72
C LYS B 121 -13.17 12.61 -22.18
N GLU B 122 -13.05 13.94 -22.10
CA GLU B 122 -14.12 14.89 -22.48
C GLU B 122 -15.55 14.59 -21.97
N MET B 123 -15.63 13.74 -20.95
CA MET B 123 -16.89 13.46 -20.27
C MET B 123 -16.99 14.44 -19.12
N GLN B 124 -16.74 15.72 -19.39
CA GLN B 124 -16.50 16.69 -18.32
C GLN B 124 -17.63 16.74 -17.30
N VAL B 125 -18.81 16.31 -17.71
CA VAL B 125 -20.00 16.40 -16.88
C VAL B 125 -20.01 15.38 -15.73
N LEU B 126 -19.24 14.30 -15.87
CA LEU B 126 -19.17 13.24 -14.86
C LEU B 126 -18.61 13.73 -13.54
N VAL B 127 -17.77 14.76 -13.63
CA VAL B 127 -17.08 15.34 -12.49
C VAL B 127 -18.01 15.60 -11.31
N SER B 128 -18.98 16.48 -11.51
CA SER B 128 -19.92 16.82 -10.45
C SER B 128 -20.58 15.57 -9.85
N ARG B 129 -20.84 14.59 -10.69
CA ARG B 129 -21.43 13.35 -10.23
C ARG B 129 -20.47 12.58 -9.36
N ILE B 130 -19.20 12.55 -9.75
CA ILE B 130 -18.18 11.89 -8.93
C ILE B 130 -18.11 12.61 -7.58
N ALA B 131 -18.23 13.93 -7.61
CA ALA B 131 -18.30 14.73 -6.40
C ALA B 131 -19.56 14.41 -5.57
N ALA B 132 -20.65 14.06 -6.24
CA ALA B 132 -21.86 13.64 -5.54
C ALA B 132 -21.62 12.33 -4.77
N TRP B 133 -21.03 11.37 -5.47
CA TRP B 133 -20.71 10.07 -4.91
C TRP B 133 -19.74 10.15 -3.72
N MET B 134 -18.72 10.99 -3.85
CA MET B 134 -17.77 11.21 -2.78
C MET B 134 -18.47 11.73 -1.54
N ALA B 135 -19.29 12.76 -1.70
CA ALA B 135 -20.03 13.32 -0.59
C ALA B 135 -20.96 12.30 0.05
N THR B 136 -21.60 11.47 -0.77
CA THR B 136 -22.45 10.40 -0.26
C THR B 136 -21.62 9.38 0.53
N TYR B 137 -20.52 8.93 -0.07
CA TYR B 137 -19.70 7.88 0.52
C TYR B 137 -19.03 8.37 1.78
N LEU B 138 -18.53 9.59 1.71
CA LEU B 138 -17.85 10.17 2.85
C LEU B 138 -18.84 10.26 3.99
N ASN B 139 -20.06 10.71 3.67
CA ASN B 139 -21.10 10.95 4.68
C ASN B 139 -21.78 9.70 5.23
N ASP B 140 -21.84 8.64 4.43
CA ASP B 140 -22.48 7.40 4.86
C ASP B 140 -21.53 6.47 5.62
N HIS B 141 -20.26 6.44 5.23
CA HIS B 141 -19.35 5.41 5.71
C HIS B 141 -18.12 5.94 6.44
N LEU B 142 -17.67 7.12 6.07
CA LEU B 142 -16.41 7.59 6.64
C LEU B 142 -16.65 8.52 7.83
N GLU B 143 -17.72 9.29 7.74
CA GLU B 143 -18.05 10.22 8.81
C GLU B 143 -18.12 9.57 10.21
N PRO B 144 -18.73 8.36 10.32
CA PRO B 144 -18.79 7.75 11.66
C PRO B 144 -17.42 7.53 12.28
N TRP B 145 -16.39 7.43 11.46
CA TRP B 145 -15.04 7.24 11.95
C TRP B 145 -14.36 8.57 12.28
N ILE B 146 -14.44 9.51 11.35
CA ILE B 146 -13.95 10.88 11.52
C ILE B 146 -14.39 11.48 12.85
N GLN B 147 -15.68 11.45 13.12
CA GLN B 147 -16.20 11.91 14.41
C GLN B 147 -15.63 11.14 15.62
N GLU B 148 -15.56 9.82 15.54
CA GLU B 148 -15.05 9.00 16.64
C GLU B 148 -13.63 9.44 16.96
N ASN B 149 -12.89 9.79 15.90
CA ASN B 149 -11.48 10.11 16.05
C ASN B 149 -11.15 11.59 16.11
N GLY B 150 -12.13 12.36 16.55
CA GLY B 150 -11.88 13.75 16.92
C GLY B 150 -12.02 14.69 15.76
N GLY B 151 -12.69 14.22 14.71
CA GLY B 151 -13.04 15.09 13.59
C GLY B 151 -11.87 15.58 12.76
N TRP B 152 -12.15 16.52 11.86
CA TRP B 152 -11.14 17.03 10.95
C TRP B 152 -10.07 17.87 11.64
N ASP B 153 -10.38 18.36 12.83
CA ASP B 153 -9.45 19.22 13.55
C ASP B 153 -8.29 18.41 14.10
N THR B 154 -8.53 17.11 14.26
CA THR B 154 -7.48 16.20 14.70
C THR B 154 -6.58 15.78 13.53
N PHE B 155 -7.19 15.59 12.35
CA PHE B 155 -6.45 15.39 11.12
C PHE B 155 -5.45 16.51 10.91
N VAL B 156 -5.93 17.75 11.00
CA VAL B 156 -5.08 18.91 10.80
C VAL B 156 -3.89 18.93 11.76
N GLU B 157 -4.17 18.63 13.03
CA GLU B 157 -3.16 18.58 14.08
C GLU B 157 -2.15 17.47 13.77
N LEU B 158 -2.64 16.42 13.12
CA LEU B 158 -1.77 15.31 12.76
C LEU B 158 -1.08 15.46 11.39
N TYR B 159 -1.62 16.29 10.49
CA TYR B 159 -1.04 16.38 9.14
C TYR B 159 -0.80 17.80 8.60
N GLY B 160 -0.82 18.79 9.48
CA GLY B 160 -0.59 20.17 9.10
C GLY B 160 0.89 20.43 8.88
N ASN B 161 1.21 20.88 7.67
CA ASN B 161 2.59 21.20 7.26
C ASN B 161 3.48 19.96 7.14
#